data_6DE2
#
_entry.id   6DE2
#
_cell.length_a   91.530
_cell.length_b   126.717
_cell.length_c   130.198
_cell.angle_alpha   90.00
_cell.angle_beta   90.00
_cell.angle_gamma   90.00
#
_symmetry.space_group_name_H-M   'I 2 2 2'
#
loop_
_entity.id
_entity.type
_entity.pdbx_description
1 polymer "Cytosolic purine 5'-nucleotidase"
2 non-polymer "ADENOSINE-5'-TRIPHOSPHATE"
3 non-polymer 'MAGNESIUM ION'
4 non-polymer 'PHOSPHATE ION'
5 non-polymer 1,2-ETHANEDIOL
6 water water
#
_entity_poly.entity_id   1
_entity_poly.type   'polypeptide(L)'
_entity_poly.pdbx_seq_one_letter_code
;GSSHHHHHHSSGLVPRGSMSTSWSDRLQNAADMPANMDKHALKKYRREAYHRVFVNRSLAMEKIKCFGFNMDYTLAVYKS
PEYESLGFELTVERLVSIGYPQELLSFAYDSTFPTRGLVFDTLYGNLLKVDAYGNLLVCAHGFNFIRGPETREQYPNKFI
QRDDTERFYILNTLFNLPETYLLACLVDFFTNCPRYTSCETGFKDGDLFMSYRSMFQDVRDAVDWVHYKGSLKEKTVENL
EKYVVKDGKLPLLLSRMKEVGKVFLATNSDYKYTDKIMTYLFDFPHGPKPGSSHRPWQSYFDLILVDARKPLFFGEGTVL
RQVDTKTGKLKIGTYTGPLQHGIVYSGGSSDTICDLLGAKGKDILYIGDHIFGDILKSKKRQGWRTFLVIPEFAQELHVW
TDKSSLFEELQSLDIFLAELYKHLDSSSNERPDISSIQRRIKKVTHDMDMCYGMMGSLFRSGSRQTLFASQVMRYADLYA
ASFINLLYYPFSYLFRAAHVLMPHESTVEHTHVDINEMESPLATRNRTSVDFKDTDYKRHQLTRSISEIKPPNLFPLAPQ
EITHCHDEDDDEEEEEEEE
;
_entity_poly.pdbx_strand_id   A
#
loop_
_chem_comp.id
_chem_comp.type
_chem_comp.name
_chem_comp.formula
ATP non-polymer ADENOSINE-5'-TRIPHOSPHATE 'C10 H16 N5 O13 P3'
EDO non-polymer 1,2-ETHANEDIOL 'C2 H6 O2'
MG non-polymer 'MAGNESIUM ION' 'Mg 2'
PO4 non-polymer 'PHOSPHATE ION' 'O4 P -3'
#
# COMPACT_ATOMS: atom_id res chain seq x y z
N THR A 21 13.84 13.67 -4.97
CA THR A 21 12.78 13.77 -3.99
C THR A 21 11.76 12.64 -4.15
N SER A 22 11.82 11.67 -3.23
CA SER A 22 10.91 10.54 -3.22
C SER A 22 9.63 10.89 -2.45
N TRP A 23 8.66 9.99 -2.49
CA TRP A 23 7.43 10.25 -1.75
C TRP A 23 7.67 10.24 -0.25
N SER A 24 8.60 9.40 0.22
CA SER A 24 8.89 9.38 1.65
C SER A 24 9.69 10.61 2.09
N ASP A 25 10.37 11.28 1.15
CA ASP A 25 10.98 12.58 1.47
C ASP A 25 9.91 13.60 1.84
N ARG A 26 8.84 13.68 1.06
CA ARG A 26 7.72 14.56 1.41
C ARG A 26 7.20 14.24 2.80
N LEU A 27 6.98 12.96 3.09
CA LEU A 27 6.40 12.57 4.37
C LEU A 27 7.33 12.91 5.52
N GLN A 28 8.62 12.53 5.41
CA GLN A 28 9.55 12.84 6.49
C GLN A 28 9.75 14.34 6.66
N ASN A 29 9.63 15.11 5.58
CA ASN A 29 9.67 16.58 5.68
C ASN A 29 8.53 17.09 6.55
N ALA A 30 7.30 16.62 6.28
CA ALA A 30 6.15 17.01 7.10
C ALA A 30 6.24 16.45 8.51
N ALA A 31 6.97 15.34 8.70
CA ALA A 31 7.15 14.75 10.02
C ALA A 31 8.10 15.55 10.90
N ASP A 32 9.09 16.22 10.31
CA ASP A 32 10.04 17.00 11.10
C ASP A 32 9.44 18.30 11.63
N MET A 33 8.18 18.60 11.30
CA MET A 33 7.54 19.82 11.79
C MET A 33 6.75 19.53 13.06
N PRO A 34 6.97 20.29 14.13
CA PRO A 34 6.16 20.11 15.34
C PRO A 34 4.71 20.52 15.07
N ALA A 35 3.82 19.96 15.87
CA ALA A 35 2.39 20.17 15.68
C ALA A 35 1.96 21.50 16.30
N ASN A 36 1.39 22.38 15.49
CA ASN A 36 0.80 23.63 15.96
C ASN A 36 -0.68 23.38 16.19
N MET A 37 -1.06 23.16 17.46
CA MET A 37 -2.41 22.76 17.82
C MET A 37 -3.36 23.95 18.00
N ASP A 38 -2.94 25.16 17.64
CA ASP A 38 -3.87 26.29 17.60
C ASP A 38 -5.01 25.97 16.64
N LYS A 39 -6.25 26.24 17.07
CA LYS A 39 -7.41 25.86 16.29
C LYS A 39 -7.41 26.49 14.90
N HIS A 40 -6.96 27.73 14.79
CA HIS A 40 -6.89 28.38 13.49
C HIS A 40 -5.77 27.79 12.64
N ALA A 41 -4.62 27.49 13.27
CA ALA A 41 -3.50 26.90 12.53
C ALA A 41 -3.88 25.56 11.90
N LEU A 42 -4.69 24.76 12.61
CA LEU A 42 -5.13 23.48 12.06
C LEU A 42 -6.02 23.68 10.85
N LYS A 43 -7.08 24.48 10.99
CA LYS A 43 -7.99 24.75 9.88
C LYS A 43 -7.23 25.29 8.67
N LYS A 44 -6.19 26.09 8.90
CA LYS A 44 -5.41 26.61 7.78
C LYS A 44 -4.51 25.53 7.20
N TYR A 45 -3.91 24.71 8.05
CA TYR A 45 -2.99 23.67 7.58
C TYR A 45 -3.70 22.70 6.65
N ARG A 46 -4.89 22.23 7.06
CA ARG A 46 -5.64 21.24 6.28
C ARG A 46 -6.31 21.85 5.09
N ARG A 47 -6.01 23.11 4.76
CA ARG A 47 -6.48 23.65 3.49
C ARG A 47 -5.59 23.18 2.34
N GLU A 48 -4.30 23.00 2.61
CA GLU A 48 -3.39 22.45 1.60
C GLU A 48 -3.70 20.99 1.33
N ALA A 49 -3.64 20.60 0.06
CA ALA A 49 -4.03 19.25 -0.32
C ALA A 49 -3.17 18.19 0.35
N TYR A 50 -1.90 18.51 0.64
CA TYR A 50 -0.99 17.53 1.23
C TYR A 50 -1.35 17.19 2.66
N HIS A 51 -2.14 18.02 3.33
CA HIS A 51 -2.53 17.76 4.72
C HIS A 51 -4.01 17.41 4.84
N ARG A 52 -4.73 17.28 3.74
CA ARG A 52 -6.15 16.98 3.82
C ARG A 52 -6.40 15.49 4.01
N VAL A 53 -7.56 15.19 4.57
CA VAL A 53 -8.13 13.86 4.50
C VAL A 53 -9.22 13.91 3.43
N PHE A 54 -9.10 13.05 2.42
CA PHE A 54 -10.06 13.04 1.33
C PHE A 54 -11.14 12.02 1.62
N VAL A 55 -12.36 12.29 1.13
CA VAL A 55 -13.57 11.61 1.62
C VAL A 55 -14.32 10.98 0.46
N ASN A 56 -14.49 9.66 0.50
CA ASN A 56 -15.34 8.98 -0.48
C ASN A 56 -16.77 8.78 0.01
N ARG A 57 -16.96 8.51 1.29
CA ARG A 57 -18.28 8.44 1.90
C ARG A 57 -18.28 9.22 3.19
N SER A 58 -19.37 9.93 3.45
CA SER A 58 -19.48 10.78 4.63
C SER A 58 -19.22 9.96 5.90
N LEU A 59 -18.53 10.60 6.85
CA LEU A 59 -18.18 9.93 8.10
C LEU A 59 -18.18 10.96 9.23
N ALA A 60 -19.05 10.75 10.20
CA ALA A 60 -19.12 11.60 11.38
C ALA A 60 -18.12 11.08 12.41
N MET A 61 -17.00 11.80 12.58
CA MET A 61 -15.96 11.30 13.48
C MET A 61 -16.47 11.12 14.90
N GLU A 62 -17.50 11.85 15.31
CA GLU A 62 -18.00 11.70 16.67
C GLU A 62 -18.55 10.30 16.93
N LYS A 63 -18.98 9.59 15.87
CA LYS A 63 -19.46 8.22 16.05
C LYS A 63 -18.34 7.20 16.17
N ILE A 64 -17.09 7.56 15.87
CA ILE A 64 -16.01 6.58 15.95
C ILE A 64 -15.66 6.38 17.42
N LYS A 65 -15.75 5.13 17.90
CA LYS A 65 -15.37 4.81 19.26
C LYS A 65 -14.06 4.04 19.38
N CYS A 66 -13.58 3.44 18.30
CA CYS A 66 -12.33 2.69 18.30
C CYS A 66 -11.55 3.08 17.06
N PHE A 67 -10.27 3.39 17.26
CA PHE A 67 -9.34 3.62 16.17
C PHE A 67 -8.41 2.41 16.10
N GLY A 68 -8.39 1.73 14.96
CA GLY A 68 -7.54 0.56 14.77
C GLY A 68 -6.48 0.83 13.71
N PHE A 69 -5.31 0.20 13.88
CA PHE A 69 -4.18 0.41 12.98
C PHE A 69 -3.59 -0.91 12.53
N ASN A 70 -3.10 -0.94 11.29
CA ASN A 70 -2.00 -1.85 10.98
C ASN A 70 -0.70 -1.08 11.20
N MET A 71 0.43 -1.79 11.11
CA MET A 71 1.72 -1.15 11.36
C MET A 71 2.48 -0.84 10.08
N ASP A 72 2.74 -1.85 9.25
CA ASP A 72 3.62 -1.67 8.11
C ASP A 72 3.04 -0.69 7.10
N TYR A 73 3.85 0.30 6.73
CA TYR A 73 3.48 1.39 5.82
C TYR A 73 2.28 2.20 6.32
N THR A 74 2.00 2.15 7.62
CA THR A 74 0.95 2.97 8.20
C THR A 74 1.50 3.72 9.40
N LEU A 75 1.79 2.99 10.47
CA LEU A 75 2.56 3.53 11.59
C LEU A 75 4.06 3.59 11.25
N ALA A 76 4.58 2.54 10.62
CA ALA A 76 5.98 2.46 10.21
C ALA A 76 6.02 2.63 8.71
N VAL A 77 6.29 3.86 8.25
CA VAL A 77 6.39 4.13 6.82
C VAL A 77 7.85 3.96 6.42
N TYR A 78 8.12 3.02 5.53
CA TYR A 78 9.50 2.70 5.17
C TYR A 78 10.00 3.66 4.10
N LYS A 79 11.20 4.21 4.32
CA LYS A 79 11.70 5.26 3.46
C LYS A 79 12.07 4.71 2.08
N SER A 80 11.81 5.51 1.06
CA SER A 80 11.93 5.23 -0.36
C SER A 80 13.01 6.11 -0.98
N PRO A 81 13.83 5.58 -1.90
CA PRO A 81 13.80 4.20 -2.39
C PRO A 81 14.66 3.24 -1.59
N GLU A 82 15.21 3.67 -0.44
CA GLU A 82 16.16 2.82 0.29
C GLU A 82 15.55 1.48 0.65
N TYR A 83 14.33 1.49 1.19
CA TYR A 83 13.74 0.23 1.64
C TYR A 83 13.42 -0.68 0.46
N GLU A 84 12.84 -0.13 -0.61
CA GLU A 84 12.58 -0.95 -1.79
C GLU A 84 13.87 -1.53 -2.36
N SER A 85 14.94 -0.73 -2.41
CA SER A 85 16.21 -1.25 -2.94
C SER A 85 16.77 -2.36 -2.06
N LEU A 86 16.66 -2.20 -0.74
CA LEU A 86 17.10 -3.28 0.14
C LEU A 86 16.31 -4.56 -0.14
N GLY A 87 14.98 -4.47 -0.23
CA GLY A 87 14.18 -5.65 -0.53
C GLY A 87 14.54 -6.27 -1.86
N PHE A 88 14.71 -5.42 -2.89
CA PHE A 88 15.17 -5.86 -4.20
C PHE A 88 16.50 -6.59 -4.10
N GLU A 89 17.48 -5.98 -3.43
CA GLU A 89 18.81 -6.57 -3.37
C GLU A 89 18.79 -7.94 -2.70
N LEU A 90 18.09 -8.05 -1.56
CA LEU A 90 18.02 -9.34 -0.87
C LEU A 90 17.24 -10.37 -1.68
N THR A 91 16.22 -9.96 -2.43
CA THR A 91 15.50 -10.92 -3.26
C THR A 91 16.37 -11.43 -4.41
N VAL A 92 17.06 -10.50 -5.09
CA VAL A 92 18.00 -10.93 -6.14
C VAL A 92 19.03 -11.89 -5.57
N GLU A 93 19.57 -11.58 -4.39
CA GLU A 93 20.59 -12.43 -3.81
C GLU A 93 20.03 -13.80 -3.47
N ARG A 94 18.78 -13.86 -3.01
CA ARG A 94 18.15 -15.16 -2.75
C ARG A 94 17.96 -15.94 -4.05
N LEU A 95 17.51 -15.28 -5.11
CA LEU A 95 17.35 -16.00 -6.38
C LEU A 95 18.69 -16.53 -6.88
N VAL A 96 19.75 -15.71 -6.83
CA VAL A 96 21.07 -16.20 -7.24
C VAL A 96 21.50 -17.36 -6.35
N SER A 97 21.22 -17.26 -5.05
CA SER A 97 21.57 -18.31 -4.10
C SER A 97 20.94 -19.65 -4.47
N ILE A 98 19.74 -19.64 -5.06
CA ILE A 98 19.10 -20.90 -5.43
C ILE A 98 19.37 -21.28 -6.88
N GLY A 99 20.16 -20.51 -7.61
CA GLY A 99 20.60 -20.97 -8.91
C GLY A 99 20.31 -20.09 -10.11
N TYR A 100 19.68 -18.94 -9.91
CA TYR A 100 19.53 -18.00 -11.01
C TYR A 100 20.89 -17.47 -11.43
N PRO A 101 21.02 -16.99 -12.67
CA PRO A 101 22.35 -16.63 -13.17
C PRO A 101 22.95 -15.42 -12.46
N GLN A 102 24.29 -15.38 -12.48
CA GLN A 102 25.03 -14.35 -11.76
C GLN A 102 24.71 -12.95 -12.27
N GLU A 103 24.27 -12.82 -13.52
CA GLU A 103 23.98 -11.50 -14.08
C GLU A 103 22.91 -10.75 -13.30
N LEU A 104 22.03 -11.46 -12.59
CA LEU A 104 21.08 -10.80 -11.70
C LEU A 104 21.77 -9.82 -10.76
N LEU A 105 23.02 -10.11 -10.35
CA LEU A 105 23.70 -9.23 -9.43
C LEU A 105 24.00 -7.87 -10.05
N SER A 106 23.94 -7.77 -11.38
CA SER A 106 24.12 -6.47 -12.02
C SER A 106 22.85 -5.62 -12.02
N PHE A 107 21.70 -6.18 -11.65
CA PHE A 107 20.47 -5.39 -11.55
C PHE A 107 20.61 -4.35 -10.45
N ALA A 108 19.96 -3.20 -10.63
CA ALA A 108 19.89 -2.20 -9.56
C ALA A 108 18.48 -1.64 -9.53
N TYR A 109 17.88 -1.58 -8.33
CA TYR A 109 16.50 -1.15 -8.23
C TYR A 109 16.35 0.24 -8.83
N ASP A 110 15.26 0.43 -9.56
CA ASP A 110 15.00 1.71 -10.23
C ASP A 110 13.59 2.14 -9.86
N SER A 111 13.49 3.14 -8.98
CA SER A 111 12.19 3.57 -8.48
C SER A 111 11.34 4.25 -9.55
N THR A 112 11.89 4.62 -10.70
CA THR A 112 11.06 5.27 -11.71
C THR A 112 10.27 4.28 -12.56
N PHE A 113 10.57 2.98 -12.48
CA PHE A 113 9.83 2.04 -13.30
C PHE A 113 8.49 1.66 -12.68
N PRO A 114 8.45 1.09 -11.46
CA PRO A 114 7.20 0.47 -11.02
C PRO A 114 6.21 1.46 -10.48
N THR A 115 4.95 1.17 -10.76
CA THR A 115 3.81 1.78 -10.08
C THR A 115 3.09 0.65 -9.36
N ARG A 116 2.53 0.97 -8.20
CA ARG A 116 1.81 -0.04 -7.43
C ARG A 116 0.50 -0.42 -8.13
N GLY A 117 0.04 -1.65 -7.88
CA GLY A 117 -1.24 -2.10 -8.38
C GLY A 117 -1.21 -2.75 -9.74
N LEU A 118 -0.04 -2.98 -10.32
CA LEU A 118 0.01 -3.63 -11.61
C LEU A 118 -0.32 -5.12 -11.47
N VAL A 119 -0.67 -5.72 -12.60
CA VAL A 119 -1.05 -7.13 -12.67
C VAL A 119 0.03 -7.84 -13.46
N PHE A 120 0.61 -8.90 -12.87
CA PHE A 120 1.54 -9.71 -13.65
C PHE A 120 0.75 -10.83 -14.32
N ASP A 121 0.86 -10.91 -15.63
CA ASP A 121 0.22 -11.96 -16.42
C ASP A 121 1.24 -13.09 -16.50
N THR A 122 1.03 -14.16 -15.71
CA THR A 122 1.98 -15.27 -15.67
C THR A 122 1.97 -16.12 -16.93
N LEU A 123 0.97 -15.98 -17.79
CA LEU A 123 0.96 -16.76 -19.03
C LEU A 123 1.97 -16.19 -20.02
N TYR A 124 1.90 -14.88 -20.28
CA TYR A 124 2.72 -14.22 -21.30
C TYR A 124 3.83 -13.34 -20.73
N GLY A 125 3.95 -13.25 -19.40
CA GLY A 125 5.08 -12.54 -18.82
C GLY A 125 5.04 -11.04 -18.94
N ASN A 126 3.84 -10.44 -18.92
CA ASN A 126 3.67 -9.00 -19.07
C ASN A 126 3.23 -8.38 -17.75
N LEU A 127 3.68 -7.15 -17.50
CA LEU A 127 3.09 -6.32 -16.47
C LEU A 127 1.98 -5.48 -17.10
N LEU A 128 0.81 -5.49 -16.49
CA LEU A 128 -0.34 -4.80 -17.04
C LEU A 128 -0.87 -3.80 -16.02
N LYS A 129 -1.24 -2.63 -16.50
CA LYS A 129 -2.00 -1.66 -15.73
C LYS A 129 -3.42 -1.70 -16.30
N VAL A 130 -4.40 -1.97 -15.44
CA VAL A 130 -5.77 -2.19 -15.91
C VAL A 130 -6.72 -1.30 -15.14
N ASP A 131 -7.90 -1.08 -15.73
CA ASP A 131 -9.00 -0.43 -15.00
C ASP A 131 -9.82 -1.49 -14.28
N ALA A 132 -10.88 -1.06 -13.60
CA ALA A 132 -11.68 -1.98 -12.79
C ALA A 132 -12.38 -3.04 -13.63
N TYR A 133 -12.49 -2.84 -14.94
CA TYR A 133 -13.17 -3.77 -15.83
C TYR A 133 -12.20 -4.72 -16.51
N GLY A 134 -10.93 -4.71 -16.11
CA GLY A 134 -9.93 -5.53 -16.76
C GLY A 134 -9.47 -5.00 -18.11
N ASN A 135 -9.85 -3.78 -18.50
CA ASN A 135 -9.33 -3.22 -19.74
C ASN A 135 -7.86 -2.84 -19.59
N LEU A 136 -7.09 -3.09 -20.65
CA LEU A 136 -5.66 -2.80 -20.63
C LEU A 136 -5.43 -1.31 -20.79
N LEU A 137 -4.67 -0.72 -19.86
CA LEU A 137 -4.21 0.66 -19.99
C LEU A 137 -2.75 0.74 -20.40
N VAL A 138 -1.91 -0.13 -19.86
CA VAL A 138 -0.48 -0.20 -20.19
C VAL A 138 -0.10 -1.67 -20.22
N CYS A 139 0.78 -2.03 -21.16
CA CYS A 139 1.30 -3.38 -21.23
C CYS A 139 2.80 -3.32 -21.51
N ALA A 140 3.61 -3.83 -20.58
CA ALA A 140 5.06 -3.87 -20.74
C ALA A 140 5.55 -5.31 -20.68
N HIS A 141 6.29 -5.72 -21.70
CA HIS A 141 6.98 -6.99 -21.70
C HIS A 141 8.45 -6.70 -21.42
N GLY A 142 8.91 -7.05 -20.23
CA GLY A 142 10.22 -6.57 -19.81
C GLY A 142 10.15 -5.07 -19.69
N PHE A 143 11.05 -4.37 -20.38
CA PHE A 143 11.04 -2.92 -20.44
C PHE A 143 10.49 -2.40 -21.76
N ASN A 144 9.90 -3.27 -22.57
CA ASN A 144 9.31 -2.90 -23.85
C ASN A 144 7.83 -2.60 -23.65
N PHE A 145 7.44 -1.33 -23.79
CA PHE A 145 6.04 -0.94 -23.64
C PHE A 145 5.30 -1.18 -24.95
N ILE A 146 4.32 -2.08 -24.90
CA ILE A 146 3.67 -2.59 -26.09
C ILE A 146 2.50 -1.67 -26.43
N ARG A 147 2.45 -1.21 -27.68
CA ARG A 147 1.40 -0.30 -28.10
C ARG A 147 0.15 -1.08 -28.50
N GLY A 148 -0.98 -0.36 -28.53
CA GLY A 148 -2.30 -0.91 -28.75
C GLY A 148 -2.39 -2.07 -29.73
N PRO A 149 -2.04 -1.81 -31.00
CA PRO A 149 -2.22 -2.87 -32.03
C PRO A 149 -1.45 -4.15 -31.72
N GLU A 150 -0.22 -4.02 -31.21
CA GLU A 150 0.57 -5.20 -30.89
C GLU A 150 0.03 -5.96 -29.68
N THR A 151 -0.70 -5.31 -28.78
CA THR A 151 -1.26 -6.03 -27.65
C THR A 151 -2.44 -6.92 -28.04
N ARG A 152 -3.03 -6.69 -29.21
CA ARG A 152 -4.23 -7.44 -29.57
C ARG A 152 -3.92 -8.88 -29.95
N GLU A 153 -2.67 -9.19 -30.28
CA GLU A 153 -2.31 -10.57 -30.55
C GLU A 153 -2.48 -11.43 -29.30
N GLN A 154 -2.03 -10.93 -28.15
CA GLN A 154 -2.17 -11.66 -26.90
C GLN A 154 -3.47 -11.32 -26.16
N TYR A 155 -3.99 -10.11 -26.35
CA TYR A 155 -5.20 -9.64 -25.67
C TYR A 155 -6.18 -9.19 -26.77
N PRO A 156 -6.84 -10.13 -27.43
CA PRO A 156 -7.69 -9.76 -28.58
C PRO A 156 -8.76 -8.73 -28.24
N ASN A 157 -9.25 -8.71 -27.00
CA ASN A 157 -10.28 -7.76 -26.58
C ASN A 157 -9.69 -6.66 -25.69
N LYS A 158 -8.36 -6.52 -25.64
CA LYS A 158 -7.70 -5.54 -24.77
C LYS A 158 -8.24 -5.62 -23.35
N PHE A 159 -8.29 -6.84 -22.82
CA PHE A 159 -9.11 -7.14 -21.66
C PHE A 159 -8.53 -8.39 -21.01
N ILE A 160 -8.54 -8.41 -19.68
CA ILE A 160 -8.17 -9.61 -18.95
C ILE A 160 -9.31 -9.96 -18.01
N GLN A 161 -9.46 -11.27 -17.77
CA GLN A 161 -10.44 -11.79 -16.82
C GLN A 161 -9.81 -11.75 -15.44
N ARG A 162 -10.23 -10.76 -14.65
CA ARG A 162 -9.68 -10.60 -13.30
C ARG A 162 -9.96 -11.80 -12.41
N ASP A 163 -11.01 -12.58 -12.68
CA ASP A 163 -11.23 -13.74 -11.82
C ASP A 163 -10.28 -14.89 -12.11
N ASP A 164 -9.42 -14.79 -13.13
CA ASP A 164 -8.47 -15.84 -13.44
C ASP A 164 -7.22 -15.64 -12.57
N THR A 165 -7.41 -15.89 -11.27
CA THR A 165 -6.38 -15.58 -10.30
C THR A 165 -5.20 -16.54 -10.37
N GLU A 166 -5.37 -17.70 -11.03
CA GLU A 166 -4.20 -18.53 -11.29
C GLU A 166 -3.27 -17.88 -12.31
N ARG A 167 -3.83 -17.14 -13.26
CA ARG A 167 -3.03 -16.51 -14.30
C ARG A 167 -2.51 -15.13 -13.92
N PHE A 168 -3.33 -14.33 -13.22
CA PHE A 168 -3.07 -12.92 -13.00
C PHE A 168 -2.82 -12.67 -11.52
N TYR A 169 -1.72 -11.99 -11.20
CA TYR A 169 -1.41 -11.63 -9.83
C TYR A 169 -1.35 -10.11 -9.70
N ILE A 170 -2.17 -9.56 -8.81
CA ILE A 170 -2.21 -8.12 -8.57
C ILE A 170 -1.15 -7.78 -7.52
N LEU A 171 -0.26 -6.84 -7.87
CA LEU A 171 0.82 -6.41 -6.99
C LEU A 171 0.33 -5.22 -6.18
N ASN A 172 -0.36 -5.53 -5.06
CA ASN A 172 -1.15 -4.55 -4.31
C ASN A 172 -0.34 -3.61 -3.43
N THR A 173 0.79 -4.05 -2.90
CA THR A 173 1.40 -3.39 -1.75
C THR A 173 2.73 -2.76 -2.12
N LEU A 174 3.19 -1.86 -1.25
CA LEU A 174 4.51 -1.28 -1.46
C LEU A 174 5.60 -2.34 -1.32
N PHE A 175 5.33 -3.39 -0.54
CA PHE A 175 6.28 -4.49 -0.46
C PHE A 175 6.48 -5.16 -1.80
N ASN A 176 5.48 -5.06 -2.69
CA ASN A 176 5.53 -5.61 -4.05
C ASN A 176 6.25 -4.71 -5.05
N LEU A 177 6.68 -3.51 -4.65
CA LEU A 177 7.38 -2.66 -5.62
C LEU A 177 8.72 -3.25 -6.06
N PRO A 178 9.59 -3.77 -5.17
CA PRO A 178 10.79 -4.48 -5.66
C PRO A 178 10.51 -5.60 -6.65
N GLU A 179 9.53 -6.47 -6.37
CA GLU A 179 9.32 -7.58 -7.28
C GLU A 179 8.63 -7.12 -8.56
N THR A 180 7.83 -6.05 -8.50
CA THR A 180 7.32 -5.46 -9.73
C THR A 180 8.48 -5.14 -10.68
N TYR A 181 9.48 -4.42 -10.20
CA TYR A 181 10.63 -4.10 -11.04
C TYR A 181 11.43 -5.35 -11.39
N LEU A 182 11.60 -6.26 -10.43
CA LEU A 182 12.42 -7.45 -10.67
C LEU A 182 11.82 -8.34 -11.75
N LEU A 183 10.49 -8.50 -11.74
CA LEU A 183 9.86 -9.29 -12.81
C LEU A 183 10.22 -8.72 -14.18
N ALA A 184 10.16 -7.39 -14.33
CA ALA A 184 10.50 -6.78 -15.62
C ALA A 184 11.98 -6.94 -15.93
N CYS A 185 12.86 -6.76 -14.93
CA CYS A 185 14.29 -7.03 -15.14
C CYS A 185 14.53 -8.44 -15.65
N LEU A 186 13.83 -9.43 -15.07
CA LEU A 186 14.08 -10.81 -15.42
C LEU A 186 13.60 -11.11 -16.84
N VAL A 187 12.37 -10.71 -17.16
CA VAL A 187 11.90 -10.88 -18.53
C VAL A 187 12.86 -10.21 -19.51
N ASP A 188 13.28 -8.97 -19.18
CA ASP A 188 14.24 -8.29 -20.03
C ASP A 188 15.54 -9.06 -20.14
N PHE A 189 16.04 -9.59 -19.03
CA PHE A 189 17.33 -10.26 -19.06
C PHE A 189 17.28 -11.54 -19.88
N PHE A 190 16.31 -12.41 -19.60
CA PHE A 190 16.25 -13.68 -20.34
C PHE A 190 15.94 -13.45 -21.82
N THR A 191 15.14 -12.43 -22.14
CA THR A 191 14.82 -12.14 -23.53
C THR A 191 16.08 -11.80 -24.33
N ASN A 192 16.94 -10.97 -23.76
CA ASN A 192 18.10 -10.47 -24.50
C ASN A 192 19.37 -11.24 -24.23
N CYS A 193 19.32 -12.34 -23.48
CA CYS A 193 20.50 -13.15 -23.23
C CYS A 193 20.55 -14.28 -24.23
N PRO A 194 21.64 -14.42 -25.01
CA PRO A 194 21.65 -15.42 -26.09
C PRO A 194 21.61 -16.87 -25.61
N ARG A 195 21.87 -17.14 -24.34
CA ARG A 195 21.75 -18.52 -23.85
C ARG A 195 20.32 -19.04 -23.87
N TYR A 196 19.32 -18.15 -23.90
CA TYR A 196 17.92 -18.55 -23.79
C TYR A 196 17.18 -18.27 -25.09
N THR A 197 16.21 -19.12 -25.40
CA THR A 197 15.33 -18.89 -26.52
C THR A 197 13.97 -18.44 -25.99
N SER A 198 13.47 -17.32 -26.50
CA SER A 198 12.20 -16.77 -26.04
C SER A 198 11.04 -17.51 -26.70
N CYS A 199 10.10 -17.96 -25.88
CA CYS A 199 8.89 -18.59 -26.38
C CYS A 199 7.70 -17.82 -25.85
N GLU A 200 6.51 -18.19 -26.33
CA GLU A 200 5.32 -17.43 -25.99
C GLU A 200 5.10 -17.38 -24.47
N THR A 201 5.37 -18.49 -23.77
CA THR A 201 5.00 -18.60 -22.36
C THR A 201 6.19 -18.74 -21.44
N GLY A 202 7.40 -18.58 -21.95
CA GLY A 202 8.59 -18.63 -21.11
C GLY A 202 9.84 -18.70 -21.94
N PHE A 203 10.91 -19.24 -21.33
CA PHE A 203 12.23 -19.28 -21.94
C PHE A 203 12.76 -20.70 -21.99
N LYS A 204 13.29 -21.09 -23.14
CA LYS A 204 13.96 -22.36 -23.31
C LYS A 204 15.46 -22.18 -23.07
N ASP A 205 16.05 -23.08 -22.27
CA ASP A 205 17.49 -23.10 -21.97
C ASP A 205 17.97 -24.53 -22.18
N GLY A 206 18.18 -24.90 -23.44
CA GLY A 206 18.53 -26.28 -23.74
C GLY A 206 17.36 -27.20 -23.39
N ASP A 207 17.62 -28.16 -22.48
CA ASP A 207 16.63 -29.12 -22.03
C ASP A 207 15.83 -28.64 -20.82
N LEU A 208 15.98 -27.37 -20.43
CA LEU A 208 15.20 -26.77 -19.36
C LEU A 208 14.26 -25.72 -19.95
N PHE A 209 13.00 -25.72 -19.50
CA PHE A 209 12.05 -24.68 -19.88
C PHE A 209 11.60 -23.95 -18.63
N MET A 210 11.73 -22.63 -18.64
CA MET A 210 11.31 -21.81 -17.53
C MET A 210 10.11 -20.99 -18.00
N SER A 211 8.91 -21.39 -17.55
CA SER A 211 7.72 -20.62 -17.89
C SER A 211 7.72 -19.31 -17.12
N TYR A 212 7.02 -18.31 -17.67
CA TYR A 212 6.85 -17.09 -16.88
C TYR A 212 6.16 -17.38 -15.56
N ARG A 213 5.29 -18.38 -15.54
CA ARG A 213 4.56 -18.73 -14.32
C ARG A 213 5.50 -19.28 -13.24
N SER A 214 6.43 -20.17 -13.60
CA SER A 214 7.35 -20.70 -12.60
C SER A 214 8.40 -19.66 -12.20
N MET A 215 8.81 -18.81 -13.14
CA MET A 215 9.67 -17.67 -12.80
C MET A 215 8.98 -16.76 -11.81
N PHE A 216 7.73 -16.39 -12.09
CA PHE A 216 6.97 -15.57 -11.15
C PHE A 216 6.91 -16.22 -9.78
N GLN A 217 6.65 -17.52 -9.72
CA GLN A 217 6.57 -18.19 -8.43
C GLN A 217 7.91 -18.19 -7.70
N ASP A 218 9.02 -18.34 -8.43
CA ASP A 218 10.33 -18.21 -7.79
C ASP A 218 10.50 -16.83 -7.17
N VAL A 219 10.12 -15.78 -7.90
CA VAL A 219 10.25 -14.42 -7.38
C VAL A 219 9.40 -14.25 -6.13
N ARG A 220 8.11 -14.61 -6.24
CA ARG A 220 7.19 -14.53 -5.11
C ARG A 220 7.71 -15.29 -3.89
N ASP A 221 8.20 -16.53 -4.11
CA ASP A 221 8.77 -17.31 -3.01
C ASP A 221 9.98 -16.63 -2.41
N ALA A 222 10.83 -16.04 -3.26
CA ALA A 222 12.03 -15.37 -2.75
C ALA A 222 11.69 -14.13 -1.94
N VAL A 223 10.67 -13.37 -2.35
CA VAL A 223 10.25 -12.21 -1.57
C VAL A 223 9.73 -12.65 -0.22
N ASP A 224 8.86 -13.68 -0.20
CA ASP A 224 8.40 -14.24 1.06
C ASP A 224 9.57 -14.69 1.91
N TRP A 225 10.50 -15.43 1.32
CA TRP A 225 11.66 -15.92 2.06
C TRP A 225 12.43 -14.77 2.67
N VAL A 226 12.69 -13.73 1.87
CA VAL A 226 13.45 -12.56 2.36
C VAL A 226 12.79 -11.97 3.60
N HIS A 227 11.46 -11.89 3.59
CA HIS A 227 10.72 -11.31 4.71
C HIS A 227 10.66 -12.23 5.91
N TYR A 228 10.47 -13.54 5.68
CA TYR A 228 10.18 -14.44 6.79
C TYR A 228 11.39 -15.24 7.26
N LYS A 229 12.33 -15.56 6.38
CA LYS A 229 13.51 -16.33 6.75
C LYS A 229 14.81 -15.61 6.45
N GLY A 230 14.80 -14.54 5.66
CA GLY A 230 16.00 -13.82 5.31
C GLY A 230 16.33 -12.71 6.29
N SER A 231 17.16 -11.78 5.81
CA SER A 231 17.76 -10.77 6.65
C SER A 231 17.09 -9.40 6.53
N LEU A 232 15.93 -9.30 5.89
CA LEU A 232 15.34 -7.98 5.67
C LEU A 232 15.01 -7.30 6.98
N LYS A 233 14.27 -7.99 7.87
CA LYS A 233 13.92 -7.41 9.15
C LYS A 233 15.16 -7.05 9.95
N GLU A 234 16.13 -7.97 10.00
CA GLU A 234 17.37 -7.70 10.71
C GLU A 234 18.08 -6.47 10.15
N LYS A 235 18.20 -6.38 8.83
CA LYS A 235 18.85 -5.21 8.26
C LYS A 235 18.05 -3.94 8.48
N THR A 236 16.72 -4.04 8.56
CA THR A 236 15.92 -2.85 8.83
C THR A 236 16.17 -2.34 10.26
N VAL A 237 16.13 -3.25 11.22
CA VAL A 237 16.19 -2.89 12.63
C VAL A 237 17.58 -2.39 13.00
N GLU A 238 18.61 -2.80 12.27
CA GLU A 238 19.93 -2.30 12.59
C GLU A 238 20.19 -0.91 12.01
N ASN A 239 19.29 -0.36 11.20
CA ASN A 239 19.49 1.01 10.77
C ASN A 239 18.13 1.69 10.57
N LEU A 240 17.41 1.91 11.68
CA LEU A 240 16.04 2.36 11.59
C LEU A 240 15.91 3.76 11.05
N GLU A 241 16.91 4.61 11.31
CA GLU A 241 16.88 5.98 10.79
C GLU A 241 16.95 5.97 9.27
N LYS A 242 17.72 5.05 8.70
CA LYS A 242 17.81 4.92 7.25
C LYS A 242 16.49 4.42 6.64
N TYR A 243 15.77 3.55 7.34
CA TYR A 243 14.70 2.81 6.70
C TYR A 243 13.28 3.18 7.13
N VAL A 244 13.10 3.90 8.23
CA VAL A 244 11.75 4.10 8.79
C VAL A 244 11.54 5.57 9.13
N VAL A 245 10.47 6.14 8.58
CA VAL A 245 10.06 7.50 8.92
C VAL A 245 9.69 7.59 10.38
N LYS A 246 10.13 8.65 11.03
CA LYS A 246 9.88 8.90 12.44
C LYS A 246 9.25 10.27 12.61
N ASP A 247 8.15 10.34 13.35
CA ASP A 247 7.33 11.54 13.45
C ASP A 247 6.89 11.72 14.89
N GLY A 248 7.31 12.83 15.52
CA GLY A 248 6.86 13.13 16.87
C GLY A 248 5.37 13.39 16.97
N LYS A 249 4.72 13.70 15.86
CA LYS A 249 3.27 13.86 15.90
C LYS A 249 2.52 12.55 16.03
N LEU A 250 3.17 11.41 15.76
CA LEU A 250 2.48 10.13 15.92
C LEU A 250 2.03 9.86 17.36
N PRO A 251 2.89 9.95 18.38
CA PRO A 251 2.38 9.77 19.75
C PRO A 251 1.31 10.76 20.13
N LEU A 252 1.38 11.99 19.61
CA LEU A 252 0.39 13.00 19.97
C LEU A 252 -1.00 12.63 19.44
N LEU A 253 -1.07 12.24 18.16
CA LEU A 253 -2.37 11.90 17.58
C LEU A 253 -2.95 10.66 18.24
N LEU A 254 -2.13 9.62 18.48
CA LEU A 254 -2.64 8.43 19.16
C LEU A 254 -3.13 8.76 20.57
N SER A 255 -2.40 9.62 21.28
CA SER A 255 -2.84 9.98 22.63
C SER A 255 -4.17 10.71 22.58
N ARG A 256 -4.39 11.54 21.55
CA ARG A 256 -5.69 12.22 21.45
C ARG A 256 -6.80 11.24 21.11
N MET A 257 -6.50 10.25 20.27
CA MET A 257 -7.49 9.22 19.95
C MET A 257 -7.90 8.46 21.21
N LYS A 258 -6.93 8.14 22.07
CA LYS A 258 -7.25 7.39 23.28
C LYS A 258 -8.08 8.21 24.26
N GLU A 259 -8.02 9.54 24.19
CA GLU A 259 -8.82 10.36 25.09
C GLU A 259 -10.30 10.31 24.72
N VAL A 260 -10.63 10.07 23.45
CA VAL A 260 -12.03 10.03 23.03
C VAL A 260 -12.53 8.64 22.69
N GLY A 261 -11.65 7.65 22.60
CA GLY A 261 -12.08 6.32 22.30
C GLY A 261 -11.02 5.30 22.63
N LYS A 262 -11.17 4.11 22.07
CA LYS A 262 -10.17 3.06 22.27
C LYS A 262 -9.26 2.97 21.05
N VAL A 263 -8.07 2.43 21.26
CA VAL A 263 -7.05 2.35 20.21
C VAL A 263 -6.51 0.94 20.19
N PHE A 264 -6.45 0.35 18.99
CA PHE A 264 -5.93 -1.01 18.90
C PHE A 264 -4.98 -1.14 17.72
N LEU A 265 -4.10 -2.13 17.85
CA LEU A 265 -3.16 -2.51 16.81
C LEU A 265 -3.53 -3.90 16.34
N ALA A 266 -3.60 -4.09 15.02
CA ALA A 266 -3.82 -5.43 14.47
C ALA A 266 -2.89 -5.53 13.28
N THR A 267 -1.75 -6.20 13.46
CA THR A 267 -0.73 -6.24 12.42
C THR A 267 -0.45 -7.68 12.03
N ASN A 268 -0.13 -7.88 10.74
CA ASN A 268 0.35 -9.20 10.30
C ASN A 268 1.74 -9.53 10.82
N SER A 269 2.54 -8.54 11.22
CA SER A 269 3.90 -8.80 11.70
C SER A 269 3.90 -9.48 13.06
N ASP A 270 5.04 -10.10 13.40
CA ASP A 270 5.23 -10.79 14.67
C ASP A 270 5.59 -9.79 15.77
N TYR A 271 5.49 -10.25 17.02
CA TYR A 271 5.65 -9.34 18.16
C TYR A 271 7.08 -8.80 18.27
N LYS A 272 8.08 -9.67 18.05
CA LYS A 272 9.48 -9.22 18.21
C LYS A 272 9.79 -8.06 17.26
N TYR A 273 9.39 -8.19 16.00
CA TYR A 273 9.60 -7.11 15.04
C TYR A 273 8.73 -5.90 15.36
N THR A 274 7.46 -6.12 15.69
CA THR A 274 6.58 -5.02 16.07
C THR A 274 7.17 -4.25 17.25
N ASP A 275 7.66 -4.96 18.27
CA ASP A 275 8.23 -4.28 19.43
C ASP A 275 9.42 -3.41 19.03
N LYS A 276 10.32 -3.94 18.19
CA LYS A 276 11.48 -3.16 17.76
C LYS A 276 11.06 -1.90 16.99
N ILE A 277 10.15 -2.06 16.01
CA ILE A 277 9.75 -0.94 15.18
C ILE A 277 9.00 0.10 16.02
N MET A 278 8.03 -0.36 16.81
CA MET A 278 7.20 0.57 17.58
C MET A 278 8.04 1.28 18.64
N THR A 279 9.00 0.58 19.26
CA THR A 279 9.88 1.25 20.21
C THR A 279 10.61 2.40 19.54
N TYR A 280 11.14 2.15 18.34
CA TYR A 280 11.77 3.22 17.58
C TYR A 280 10.79 4.34 17.28
N LEU A 281 9.58 4.00 16.79
CA LEU A 281 8.60 5.04 16.46
C LEU A 281 8.29 5.95 17.64
N PHE A 282 8.39 5.43 18.86
CA PHE A 282 8.05 6.23 20.05
C PHE A 282 9.28 6.71 20.79
N ASP A 283 10.46 6.58 20.19
CA ASP A 283 11.71 6.87 20.89
C ASP A 283 11.99 8.36 20.74
N PHE A 284 11.40 9.13 21.63
CA PHE A 284 11.60 10.57 21.77
C PHE A 284 11.90 10.82 23.22
N PRO A 285 12.55 11.94 23.56
CA PRO A 285 12.83 12.22 24.97
C PRO A 285 11.62 12.78 25.68
N HIS A 286 10.42 12.31 25.31
CA HIS A 286 9.17 12.85 25.85
C HIS A 286 8.03 11.97 25.36
N GLY A 287 6.83 12.22 25.91
CA GLY A 287 5.65 11.48 25.53
C GLY A 287 4.91 12.16 24.40
N PRO A 288 3.57 12.19 24.47
CA PRO A 288 2.78 12.77 23.35
C PRO A 288 3.24 14.15 22.94
N LYS A 289 3.51 15.03 23.91
CA LYS A 289 3.96 16.40 23.66
C LYS A 289 5.34 16.60 24.24
N PRO A 290 6.15 17.49 23.65
CA PRO A 290 7.39 17.89 24.30
C PRO A 290 7.12 18.33 25.73
N GLY A 291 8.00 17.95 26.65
CA GLY A 291 7.84 18.26 28.05
C GLY A 291 7.18 17.16 28.87
N SER A 292 6.45 16.24 28.24
CA SER A 292 5.77 15.17 28.96
C SER A 292 6.68 13.96 29.12
N SER A 293 6.46 13.20 30.19
CA SER A 293 7.21 11.96 30.40
C SER A 293 7.00 11.01 29.23
N HIS A 294 8.09 10.38 28.80
CA HIS A 294 7.99 9.32 27.80
C HIS A 294 7.21 8.14 28.37
N ARG A 295 6.36 7.54 27.53
CA ARG A 295 5.55 6.36 27.81
C ARG A 295 5.89 5.24 26.84
N PRO A 296 5.88 3.98 27.26
CA PRO A 296 6.13 2.88 26.33
C PRO A 296 5.06 2.84 25.25
N TRP A 297 5.44 2.38 24.06
CA TRP A 297 4.49 2.35 22.94
C TRP A 297 3.25 1.55 23.28
N GLN A 298 3.37 0.48 24.08
CA GLN A 298 2.21 -0.35 24.35
C GLN A 298 1.14 0.42 25.14
N SER A 299 1.53 1.43 25.93
CA SER A 299 0.56 2.17 26.71
C SER A 299 -0.41 2.95 25.85
N TYR A 300 -0.09 3.15 24.57
CA TYR A 300 -0.98 3.89 23.68
C TYR A 300 -2.12 3.04 23.13
N PHE A 301 -2.19 1.76 23.49
CA PHE A 301 -3.14 0.82 22.88
C PHE A 301 -3.97 0.11 23.94
N ASP A 302 -5.29 0.13 23.75
CA ASP A 302 -6.15 -0.72 24.58
C ASP A 302 -6.03 -2.18 24.21
N LEU A 303 -5.64 -2.47 22.98
CA LEU A 303 -5.56 -3.86 22.53
C LEU A 303 -4.47 -3.96 21.48
N ILE A 304 -3.61 -4.95 21.63
CA ILE A 304 -2.47 -5.17 20.75
C ILE A 304 -2.57 -6.58 20.22
N LEU A 305 -2.60 -6.73 18.90
CA LEU A 305 -2.75 -8.04 18.29
C LEU A 305 -1.75 -8.15 17.14
N VAL A 306 -0.92 -9.18 17.18
CA VAL A 306 0.08 -9.43 16.16
C VAL A 306 -0.26 -10.77 15.48
N ASP A 307 0.50 -11.10 14.44
CA ASP A 307 0.25 -12.31 13.62
C ASP A 307 -1.21 -12.37 13.17
N ALA A 308 -1.76 -11.25 12.72
CA ALA A 308 -3.20 -11.16 12.51
C ALA A 308 -3.68 -12.06 11.37
N ARG A 309 -2.83 -12.30 10.37
CA ARG A 309 -3.21 -13.07 9.17
C ARG A 309 -4.42 -12.46 8.47
N LYS A 310 -4.35 -11.15 8.21
CA LYS A 310 -5.35 -10.51 7.38
C LYS A 310 -5.10 -10.91 5.92
N PRO A 311 -6.16 -11.11 5.11
CA PRO A 311 -7.59 -10.89 5.37
C PRO A 311 -8.36 -12.04 6.04
N LEU A 312 -7.77 -13.23 6.16
CA LEU A 312 -8.45 -14.33 6.87
C LEU A 312 -8.92 -13.87 8.25
N PHE A 313 -8.17 -12.97 8.86
CA PHE A 313 -8.53 -12.31 10.11
C PHE A 313 -9.97 -11.80 10.11
N PHE A 314 -10.44 -11.29 8.97
CA PHE A 314 -11.80 -10.75 8.91
C PHE A 314 -12.87 -11.79 8.64
N GLY A 315 -12.50 -13.07 8.52
CA GLY A 315 -13.46 -14.16 8.55
C GLY A 315 -13.27 -15.03 9.77
N GLU A 316 -13.03 -16.32 9.57
CA GLU A 316 -12.82 -17.22 10.69
C GLU A 316 -11.53 -16.91 11.47
N GLY A 317 -10.57 -16.25 10.83
CA GLY A 317 -9.36 -15.94 11.56
C GLY A 317 -8.58 -17.20 11.89
N THR A 318 -7.77 -17.10 12.93
CA THR A 318 -7.01 -18.24 13.46
C THR A 318 -7.26 -18.32 14.96
N VAL A 319 -6.69 -19.37 15.55
CA VAL A 319 -6.80 -19.57 17.00
C VAL A 319 -6.19 -18.37 17.71
N LEU A 320 -6.92 -17.85 18.71
CA LEU A 320 -6.42 -16.74 19.52
C LEU A 320 -5.35 -17.23 20.49
N ARG A 321 -4.16 -16.63 20.42
CA ARG A 321 -3.03 -16.98 21.26
C ARG A 321 -2.61 -15.78 22.10
N GLN A 322 -1.80 -16.02 23.12
CA GLN A 322 -1.27 -14.99 23.99
C GLN A 322 0.24 -14.93 23.81
N VAL A 323 0.77 -13.73 23.63
CA VAL A 323 2.21 -13.54 23.48
C VAL A 323 2.83 -13.38 24.86
N ASP A 324 3.91 -14.12 25.11
CA ASP A 324 4.76 -13.85 26.26
C ASP A 324 5.66 -12.69 25.89
N THR A 325 5.34 -11.49 26.39
CA THR A 325 6.05 -10.31 25.92
C THR A 325 7.48 -10.20 26.46
N LYS A 326 7.87 -11.07 27.39
CA LYS A 326 9.27 -11.16 27.81
C LYS A 326 10.11 -11.88 26.76
N THR A 327 9.67 -13.06 26.33
CA THR A 327 10.43 -13.89 25.41
C THR A 327 10.07 -13.62 23.95
N GLY A 328 8.96 -12.94 23.69
CA GLY A 328 8.50 -12.77 22.32
C GLY A 328 7.93 -14.02 21.70
N LYS A 329 7.75 -15.08 22.50
CA LYS A 329 7.19 -16.34 22.04
C LYS A 329 5.72 -16.44 22.44
N LEU A 330 4.99 -17.27 21.70
CA LEU A 330 3.62 -17.57 22.06
C LEU A 330 3.59 -18.49 23.27
N LYS A 331 2.69 -18.23 24.20
CA LYS A 331 2.38 -19.22 25.21
C LYS A 331 1.68 -20.40 24.56
N ILE A 332 1.78 -21.57 25.18
CA ILE A 332 1.21 -22.79 24.61
C ILE A 332 -0.28 -22.84 24.94
N GLY A 333 -1.10 -23.04 23.92
CA GLY A 333 -2.53 -23.20 24.09
C GLY A 333 -3.30 -22.00 23.56
N THR A 334 -4.62 -22.19 23.46
CA THR A 334 -5.55 -21.14 23.08
C THR A 334 -5.86 -20.26 24.28
N TYR A 335 -5.87 -18.94 24.07
CA TYR A 335 -6.13 -18.02 25.17
C TYR A 335 -7.64 -17.85 25.37
N THR A 336 -8.10 -18.16 26.58
CA THR A 336 -9.53 -18.11 26.93
C THR A 336 -9.85 -17.00 27.91
N GLY A 337 -8.87 -16.21 28.33
CA GLY A 337 -9.07 -15.21 29.35
C GLY A 337 -9.62 -13.90 28.82
N PRO A 338 -9.64 -12.89 29.67
CA PRO A 338 -10.22 -11.59 29.28
C PRO A 338 -9.17 -10.62 28.77
N LEU A 339 -9.60 -9.47 28.27
CA LEU A 339 -8.65 -8.39 27.94
C LEU A 339 -8.10 -7.81 29.23
N GLN A 340 -6.80 -7.98 29.46
CA GLN A 340 -6.15 -7.46 30.65
C GLN A 340 -5.11 -6.44 30.23
N HIS A 341 -4.84 -5.50 31.13
CA HIS A 341 -3.76 -4.56 30.88
C HIS A 341 -2.46 -5.32 30.67
N GLY A 342 -1.70 -4.91 29.65
CA GLY A 342 -0.44 -5.55 29.34
C GLY A 342 -0.53 -6.82 28.52
N ILE A 343 -1.71 -7.37 28.31
CA ILE A 343 -1.81 -8.59 27.51
C ILE A 343 -1.61 -8.24 26.04
N VAL A 344 -0.94 -9.13 25.31
CA VAL A 344 -0.75 -9.01 23.88
C VAL A 344 -1.27 -10.28 23.21
N TYR A 345 -2.11 -10.13 22.20
CA TYR A 345 -2.71 -11.25 21.49
C TYR A 345 -1.94 -11.55 20.21
N SER A 346 -2.11 -12.79 19.75
CA SER A 346 -1.59 -13.26 18.47
C SER A 346 -2.69 -14.04 17.75
N GLY A 347 -2.91 -13.72 16.48
CA GLY A 347 -3.89 -14.47 15.70
C GLY A 347 -5.29 -13.96 15.99
N GLY A 348 -6.21 -14.86 16.27
CA GLY A 348 -7.59 -14.46 16.55
C GLY A 348 -8.32 -14.02 15.28
N SER A 349 -9.33 -13.19 15.47
CA SER A 349 -10.15 -12.70 14.37
C SER A 349 -10.64 -11.29 14.66
N SER A 350 -11.25 -10.67 13.66
CA SER A 350 -11.79 -9.32 13.89
C SER A 350 -12.89 -9.34 14.96
N ASP A 351 -13.61 -10.46 15.09
CA ASP A 351 -14.60 -10.57 16.16
C ASP A 351 -13.96 -10.51 17.54
N THR A 352 -12.76 -11.08 17.69
CA THR A 352 -12.01 -10.93 18.93
C THR A 352 -11.94 -9.47 19.34
N ILE A 353 -11.53 -8.61 18.41
CA ILE A 353 -11.37 -7.19 18.72
C ILE A 353 -12.71 -6.57 19.08
N CYS A 354 -13.76 -6.85 18.30
CA CYS A 354 -15.05 -6.20 18.53
C CYS A 354 -15.64 -6.62 19.86
N ASP A 355 -15.58 -7.91 20.18
CA ASP A 355 -16.08 -8.39 21.46
C ASP A 355 -15.29 -7.76 22.61
N LEU A 356 -13.95 -7.83 22.53
CA LEU A 356 -13.11 -7.36 23.63
C LEU A 356 -13.23 -5.86 23.86
N LEU A 357 -13.43 -5.09 22.79
CA LEU A 357 -13.59 -3.65 22.94
C LEU A 357 -15.05 -3.23 23.03
N GLY A 358 -15.98 -4.18 22.96
CA GLY A 358 -17.40 -3.86 23.00
C GLY A 358 -17.81 -2.95 21.86
N ALA A 359 -17.29 -3.20 20.66
CA ALA A 359 -17.56 -2.36 19.51
C ALA A 359 -18.37 -3.12 18.47
N LYS A 360 -19.22 -2.38 17.77
CA LYS A 360 -19.80 -2.78 16.50
C LYS A 360 -18.93 -2.24 15.38
N GLY A 361 -19.11 -2.81 14.19
CA GLY A 361 -18.26 -2.43 13.07
C GLY A 361 -18.24 -0.93 12.80
N LYS A 362 -19.41 -0.30 12.75
CA LYS A 362 -19.44 1.11 12.37
C LYS A 362 -18.92 2.04 13.46
N ASP A 363 -18.66 1.51 14.66
CA ASP A 363 -17.93 2.21 15.71
C ASP A 363 -16.43 2.29 15.43
N ILE A 364 -15.93 1.54 14.45
CA ILE A 364 -14.49 1.36 14.26
C ILE A 364 -14.04 2.13 13.04
N LEU A 365 -12.97 2.91 13.19
CA LEU A 365 -12.21 3.43 12.06
C LEU A 365 -10.91 2.62 11.98
N TYR A 366 -10.78 1.81 10.95
CA TYR A 366 -9.58 1.00 10.75
C TYR A 366 -8.69 1.65 9.70
N ILE A 367 -7.43 1.83 10.06
CA ILE A 367 -6.48 2.66 9.33
C ILE A 367 -5.40 1.72 8.83
N GLY A 368 -5.33 1.53 7.50
CA GLY A 368 -4.44 0.55 6.93
C GLY A 368 -3.96 0.99 5.57
N ASP A 369 -3.02 0.22 5.01
CA ASP A 369 -2.47 0.54 3.70
C ASP A 369 -2.73 -0.55 2.68
N HIS A 370 -3.30 -1.69 3.07
CA HIS A 370 -3.53 -2.78 2.13
C HIS A 370 -4.96 -2.66 1.61
N ILE A 371 -5.09 -2.21 0.35
CA ILE A 371 -6.40 -1.90 -0.22
C ILE A 371 -7.32 -3.12 -0.16
N PHE A 372 -6.76 -4.32 -0.35
CA PHE A 372 -7.56 -5.54 -0.31
C PHE A 372 -7.65 -6.10 1.11
N GLY A 373 -6.50 -6.39 1.73
CA GLY A 373 -6.52 -7.15 2.97
C GLY A 373 -6.91 -6.36 4.21
N ASP A 374 -6.68 -5.04 4.20
CA ASP A 374 -7.12 -4.18 5.29
C ASP A 374 -8.48 -3.55 5.01
N ILE A 375 -8.64 -2.90 3.86
CA ILE A 375 -9.73 -1.97 3.64
C ILE A 375 -10.93 -2.68 3.02
N LEU A 376 -10.76 -3.22 1.81
CA LEU A 376 -11.87 -3.93 1.16
C LEU A 376 -12.48 -4.97 2.10
N LYS A 377 -11.63 -5.81 2.69
CA LYS A 377 -12.13 -6.93 3.46
C LYS A 377 -12.75 -6.49 4.78
N SER A 378 -12.16 -5.52 5.49
CA SER A 378 -12.82 -5.08 6.71
C SER A 378 -14.15 -4.40 6.39
N LYS A 379 -14.22 -3.68 5.27
CA LYS A 379 -15.47 -3.04 4.88
C LYS A 379 -16.53 -4.07 4.53
N LYS A 380 -16.20 -4.99 3.60
CA LYS A 380 -17.21 -5.92 3.09
C LYS A 380 -17.57 -7.00 4.09
N ARG A 381 -16.58 -7.49 4.85
CA ARG A 381 -16.86 -8.61 5.74
C ARG A 381 -17.47 -8.17 7.07
N GLN A 382 -17.19 -6.95 7.50
CA GLN A 382 -17.54 -6.54 8.85
C GLN A 382 -18.20 -5.18 8.93
N GLY A 383 -18.28 -4.43 7.85
CA GLY A 383 -18.85 -3.10 7.92
C GLY A 383 -18.05 -2.16 8.81
N TRP A 384 -16.74 -2.33 8.88
CA TRP A 384 -15.92 -1.34 9.55
C TRP A 384 -15.84 -0.07 8.71
N ARG A 385 -15.64 1.08 9.38
CA ARG A 385 -15.25 2.28 8.65
C ARG A 385 -13.76 2.21 8.34
N THR A 386 -13.36 2.85 7.23
CA THR A 386 -12.03 2.62 6.70
C THR A 386 -11.31 3.92 6.35
N PHE A 387 -10.02 3.94 6.66
CA PHE A 387 -9.11 5.02 6.29
C PHE A 387 -7.92 4.36 5.60
N LEU A 388 -7.73 4.66 4.32
CA LEU A 388 -6.65 4.07 3.54
C LEU A 388 -5.49 5.05 3.52
N VAL A 389 -4.34 4.61 4.03
CA VAL A 389 -3.08 5.34 3.89
C VAL A 389 -2.46 4.97 2.56
N ILE A 390 -2.07 5.97 1.78
CA ILE A 390 -1.45 5.76 0.48
C ILE A 390 -0.09 6.45 0.50
N PRO A 391 1.00 5.76 0.89
CA PRO A 391 2.25 6.49 1.14
C PRO A 391 2.76 7.27 -0.06
N GLU A 392 2.64 6.75 -1.28
CA GLU A 392 3.14 7.46 -2.45
C GLU A 392 2.30 8.69 -2.77
N PHE A 393 1.16 8.88 -2.09
CA PHE A 393 0.21 9.92 -2.47
C PHE A 393 0.82 11.31 -2.32
N ALA A 394 1.74 11.49 -1.37
CA ALA A 394 2.41 12.79 -1.24
C ALA A 394 3.07 13.18 -2.55
N GLN A 395 3.75 12.24 -3.19
CA GLN A 395 4.38 12.55 -4.48
C GLN A 395 3.35 12.64 -5.61
N GLU A 396 2.36 11.73 -5.63
CA GLU A 396 1.33 11.79 -6.66
C GLU A 396 0.61 13.13 -6.63
N LEU A 397 0.30 13.63 -5.43
CA LEU A 397 -0.35 14.93 -5.31
C LEU A 397 0.50 16.03 -5.91
N HIS A 398 1.81 16.03 -5.62
CA HIS A 398 2.69 17.04 -6.18
C HIS A 398 2.63 17.05 -7.70
N VAL A 399 2.78 15.88 -8.32
CA VAL A 399 2.73 15.79 -9.78
C VAL A 399 1.35 16.20 -10.29
N TRP A 400 0.28 15.81 -9.58
CA TRP A 400 -1.07 16.09 -10.06
C TRP A 400 -1.30 17.60 -10.18
N THR A 401 -0.90 18.34 -9.14
CA THR A 401 -1.12 19.79 -9.15
C THR A 401 -0.16 20.48 -10.10
N ASP A 402 1.09 20.03 -10.17
CA ASP A 402 2.05 20.64 -11.08
C ASP A 402 1.67 20.43 -12.54
N LYS A 403 1.04 19.31 -12.88
CA LYS A 403 0.68 19.01 -14.26
C LYS A 403 -0.81 19.12 -14.52
N SER A 404 -1.56 19.81 -13.65
CA SER A 404 -3.00 19.93 -13.84
C SER A 404 -3.34 20.56 -15.19
N SER A 405 -2.43 21.35 -15.75
CA SER A 405 -2.63 21.90 -17.09
C SER A 405 -2.74 20.80 -18.13
N LEU A 406 -1.84 19.81 -18.05
CA LEU A 406 -1.91 18.69 -19.00
C LEU A 406 -3.24 17.94 -18.88
N PHE A 407 -3.68 17.69 -17.65
CA PHE A 407 -4.96 16.99 -17.49
C PHE A 407 -6.10 17.82 -18.03
N GLU A 408 -6.10 19.13 -17.76
CA GLU A 408 -7.15 20.01 -18.26
C GLU A 408 -7.20 19.99 -19.78
N GLU A 409 -6.04 20.11 -20.43
CA GLU A 409 -5.98 19.97 -21.89
C GLU A 409 -6.57 18.64 -22.32
N LEU A 410 -6.26 17.57 -21.59
CA LEU A 410 -6.83 16.26 -21.90
C LEU A 410 -8.35 16.29 -21.82
N GLN A 411 -8.89 16.86 -20.74
CA GLN A 411 -10.35 16.98 -20.61
C GLN A 411 -10.95 17.77 -21.77
N SER A 412 -10.26 18.82 -22.21
CA SER A 412 -10.76 19.63 -23.31
C SER A 412 -10.78 18.83 -24.61
N LEU A 413 -9.69 18.13 -24.90
CA LEU A 413 -9.62 17.31 -26.10
C LEU A 413 -10.75 16.28 -26.14
N ASP A 414 -11.04 15.63 -25.00
CA ASP A 414 -12.11 14.66 -24.96
C ASP A 414 -13.46 15.31 -25.25
N ILE A 415 -13.68 16.51 -24.72
CA ILE A 415 -14.92 17.24 -24.98
C ILE A 415 -15.01 17.62 -26.45
N PHE A 416 -13.94 18.22 -26.99
CA PHE A 416 -13.92 18.61 -28.39
C PHE A 416 -14.13 17.40 -29.30
N LEU A 417 -13.45 16.29 -29.01
CA LEU A 417 -13.64 15.08 -29.79
C LEU A 417 -15.08 14.55 -29.72
N ALA A 418 -15.82 14.90 -28.67
CA ALA A 418 -17.20 14.43 -28.53
C ALA A 418 -18.16 15.21 -29.43
N GLU A 419 -17.84 16.46 -29.76
CA GLU A 419 -18.70 17.22 -30.65
C GLU A 419 -18.53 16.80 -32.11
N LEU A 420 -17.35 16.32 -32.47
CA LEU A 420 -17.08 15.92 -33.85
C LEU A 420 -17.80 14.61 -34.19
N SER A 435 -9.52 13.15 -36.28
CA SER A 435 -8.51 12.11 -36.38
C SER A 435 -7.18 12.57 -35.79
N SER A 436 -6.79 13.81 -36.08
CA SER A 436 -5.62 14.39 -35.45
C SER A 436 -5.87 14.75 -33.99
N ILE A 437 -7.13 14.78 -33.57
CA ILE A 437 -7.45 14.96 -32.15
C ILE A 437 -7.14 13.69 -31.38
N GLN A 438 -7.45 12.53 -31.96
CA GLN A 438 -7.25 11.25 -31.27
C GLN A 438 -5.77 10.95 -31.08
N ARG A 439 -4.95 11.30 -32.07
CA ARG A 439 -3.50 11.11 -31.93
C ARG A 439 -2.90 12.10 -30.95
N ARG A 440 -3.52 13.28 -30.80
CA ARG A 440 -3.08 14.24 -29.79
C ARG A 440 -3.51 13.82 -28.39
N ILE A 441 -4.65 13.11 -28.27
CA ILE A 441 -5.09 12.60 -26.98
C ILE A 441 -4.11 11.56 -26.46
N LYS A 442 -3.65 10.66 -27.32
CA LYS A 442 -2.66 9.67 -26.91
C LYS A 442 -1.34 10.31 -26.53
N LYS A 443 -0.97 11.41 -27.19
CA LYS A 443 0.32 12.04 -26.94
C LYS A 443 0.31 12.78 -25.60
N VAL A 444 -0.77 13.54 -25.33
CA VAL A 444 -0.89 14.21 -24.04
C VAL A 444 -1.01 13.18 -22.91
N THR A 445 -1.71 12.08 -23.18
CA THR A 445 -1.85 11.02 -22.18
C THR A 445 -0.48 10.45 -21.80
N HIS A 446 0.37 10.22 -22.80
CA HIS A 446 1.71 9.69 -22.52
C HIS A 446 2.55 10.68 -21.73
N ASP A 447 2.60 11.94 -22.18
CA ASP A 447 3.41 12.95 -21.50
C ASP A 447 2.96 13.15 -20.06
N MET A 448 1.65 13.14 -19.82
CA MET A 448 1.15 13.24 -18.45
C MET A 448 1.59 12.04 -17.62
N ASP A 449 1.37 10.82 -18.16
CA ASP A 449 1.70 9.60 -17.42
C ASP A 449 3.18 9.53 -17.06
N MET A 450 4.06 9.93 -17.98
CA MET A 450 5.49 9.81 -17.72
C MET A 450 5.96 10.70 -16.58
N CYS A 451 5.22 11.77 -16.26
CA CYS A 451 5.59 12.60 -15.12
C CYS A 451 5.49 11.83 -13.80
N TYR A 452 4.73 10.74 -13.78
CA TYR A 452 4.59 9.93 -12.58
C TYR A 452 5.63 8.83 -12.49
N GLY A 453 6.17 8.41 -13.64
CA GLY A 453 7.05 7.25 -13.71
C GLY A 453 6.70 6.47 -14.96
N MET A 454 7.46 5.42 -15.24
CA MET A 454 7.28 4.71 -16.50
C MET A 454 5.95 3.96 -16.53
N MET A 455 5.42 3.59 -15.38
CA MET A 455 4.13 2.92 -15.31
C MET A 455 3.02 3.88 -14.93
N GLY A 456 3.30 5.18 -14.95
CA GLY A 456 2.27 6.18 -14.78
C GLY A 456 1.72 6.29 -13.37
N SER A 457 0.65 7.06 -13.27
CA SER A 457 0.01 7.33 -11.98
C SER A 457 -0.62 6.07 -11.41
N LEU A 458 -0.51 5.94 -10.09
CA LEU A 458 -1.25 4.94 -9.33
C LEU A 458 -2.75 4.96 -9.66
N PHE A 459 -3.29 6.13 -9.99
CA PHE A 459 -4.73 6.34 -10.03
C PHE A 459 -5.32 6.38 -11.43
N ARG A 460 -4.50 6.56 -12.46
CA ARG A 460 -5.06 6.65 -13.80
C ARG A 460 -3.95 6.55 -14.82
N SER A 461 -4.37 6.36 -16.07
CA SER A 461 -3.55 6.59 -17.25
C SER A 461 -4.37 7.52 -18.12
N GLY A 462 -3.92 8.78 -18.22
CA GLY A 462 -4.72 9.78 -18.92
C GLY A 462 -6.07 9.95 -18.25
N SER A 463 -7.14 9.83 -19.04
CA SER A 463 -8.47 9.99 -18.49
C SER A 463 -9.07 8.69 -17.98
N ARG A 464 -8.33 7.57 -18.00
CA ARG A 464 -8.87 6.28 -17.59
C ARG A 464 -8.41 5.92 -16.18
N GLN A 465 -9.37 5.67 -15.28
CA GLN A 465 -9.02 5.32 -13.91
C GLN A 465 -8.50 3.89 -13.83
N THR A 466 -7.60 3.67 -12.88
CA THR A 466 -7.08 2.32 -12.64
C THR A 466 -8.03 1.53 -11.75
N LEU A 467 -7.84 0.20 -11.73
CA LEU A 467 -8.49 -0.64 -10.74
C LEU A 467 -8.23 -0.12 -9.32
N PHE A 468 -7.00 0.27 -9.04
CA PHE A 468 -6.67 0.74 -7.69
C PHE A 468 -7.49 1.97 -7.33
N ALA A 469 -7.59 2.95 -8.24
CA ALA A 469 -8.42 4.12 -7.97
C ALA A 469 -9.85 3.72 -7.67
N SER A 470 -10.40 2.79 -8.44
CA SER A 470 -11.78 2.35 -8.25
C SER A 470 -11.97 1.67 -6.91
N GLN A 471 -11.02 0.83 -6.49
CA GLN A 471 -11.11 0.18 -5.19
C GLN A 471 -10.97 1.18 -4.05
N VAL A 472 -10.08 2.18 -4.20
CA VAL A 472 -10.00 3.24 -3.20
C VAL A 472 -11.36 3.92 -3.05
N MET A 473 -11.95 4.36 -4.16
CA MET A 473 -13.22 5.07 -4.10
C MET A 473 -14.30 4.23 -3.47
N ARG A 474 -14.35 2.93 -3.80
CA ARG A 474 -15.45 2.08 -3.35
C ARG A 474 -15.32 1.65 -1.89
N TYR A 475 -14.10 1.41 -1.41
CA TYR A 475 -13.95 0.76 -0.12
C TYR A 475 -13.24 1.59 0.93
N ALA A 476 -12.51 2.65 0.55
CA ALA A 476 -11.89 3.53 1.52
C ALA A 476 -12.83 4.70 1.79
N ASP A 477 -13.39 4.75 3.01
CA ASP A 477 -14.23 5.89 3.36
C ASP A 477 -13.45 7.18 3.35
N LEU A 478 -12.23 7.14 3.89
CA LEU A 478 -11.29 8.25 3.92
C LEU A 478 -9.95 7.79 3.38
N TYR A 479 -9.19 8.71 2.80
CA TYR A 479 -7.83 8.36 2.40
C TYR A 479 -6.94 9.59 2.44
N ALA A 480 -5.64 9.34 2.52
CA ALA A 480 -4.64 10.39 2.61
C ALA A 480 -3.27 9.74 2.48
N ALA A 481 -2.25 10.57 2.24
CA ALA A 481 -0.87 10.06 2.22
C ALA A 481 -0.46 9.52 3.59
N SER A 482 -1.03 10.05 4.66
CA SER A 482 -0.69 9.63 6.01
C SER A 482 -1.92 9.79 6.89
N PHE A 483 -2.09 8.89 7.86
CA PHE A 483 -3.19 9.08 8.78
C PHE A 483 -2.93 10.25 9.74
N ILE A 484 -1.68 10.73 9.83
CA ILE A 484 -1.38 11.88 10.67
C ILE A 484 -2.21 13.09 10.28
N ASN A 485 -2.70 13.15 9.03
CA ASN A 485 -3.55 14.25 8.61
C ASN A 485 -4.81 14.36 9.44
N LEU A 486 -5.23 13.29 10.13
CA LEU A 486 -6.36 13.38 11.04
C LEU A 486 -6.09 14.36 12.17
N LEU A 487 -4.82 14.64 12.47
CA LEU A 487 -4.48 15.58 13.54
C LEU A 487 -5.01 16.98 13.24
N TYR A 488 -5.21 17.32 11.97
CA TYR A 488 -5.62 18.67 11.57
C TYR A 488 -7.13 18.84 11.56
N TYR A 489 -7.87 17.85 12.03
CA TYR A 489 -9.33 17.90 12.09
C TYR A 489 -9.81 17.68 13.52
N PRO A 490 -10.81 18.44 13.97
CA PRO A 490 -11.37 18.21 15.31
C PRO A 490 -12.09 16.86 15.37
N PHE A 491 -12.22 16.33 16.58
CA PHE A 491 -12.79 14.99 16.71
C PHE A 491 -14.28 14.96 16.44
N SER A 492 -14.94 16.10 16.43
CA SER A 492 -16.35 16.16 16.05
C SER A 492 -16.53 16.36 14.56
N TYR A 493 -15.46 16.36 13.78
CA TYR A 493 -15.55 16.75 12.38
C TYR A 493 -16.46 15.81 11.63
N LEU A 494 -17.25 16.38 10.72
CA LEU A 494 -18.10 15.61 9.82
C LEU A 494 -17.41 15.62 8.47
N PHE A 495 -16.79 14.51 8.11
CA PHE A 495 -16.26 14.38 6.75
C PHE A 495 -17.43 14.16 5.80
N ARG A 496 -17.49 14.93 4.72
CA ARG A 496 -18.66 14.94 3.84
C ARG A 496 -18.26 14.57 2.42
N ALA A 497 -19.04 13.68 1.82
CA ALA A 497 -18.94 13.38 0.40
C ALA A 497 -20.29 13.67 -0.26
N ALA A 498 -20.26 14.07 -1.52
CA ALA A 498 -21.49 14.29 -2.25
C ALA A 498 -22.23 12.98 -2.47
N HIS A 499 -23.56 13.04 -2.43
CA HIS A 499 -24.37 11.88 -2.74
C HIS A 499 -24.20 11.49 -4.21
N VAL A 500 -24.25 10.19 -4.45
CA VAL A 500 -24.16 9.62 -5.79
C VAL A 500 -25.56 9.48 -6.35
N LEU A 501 -25.75 9.89 -7.60
CA LEU A 501 -27.03 9.81 -8.30
C LEU A 501 -26.87 8.99 -9.56
N MET A 502 -27.91 8.23 -9.90
CA MET A 502 -27.94 7.53 -11.17
C MET A 502 -28.19 8.51 -12.30
N PRO A 503 -27.83 8.13 -13.54
CA PRO A 503 -28.07 9.06 -14.66
C PRO A 503 -29.50 9.56 -14.75
N HIS A 504 -30.51 8.69 -14.57
CA HIS A 504 -31.89 9.14 -14.71
C HIS A 504 -32.34 10.01 -13.54
N GLU A 505 -31.58 10.04 -12.44
CA GLU A 505 -31.94 10.82 -11.27
C GLU A 505 -31.36 12.23 -11.30
N SER A 506 -30.61 12.58 -12.33
CA SER A 506 -29.98 13.91 -12.39
C SER A 506 -30.17 14.54 -13.76
PG ATP B . -15.21 -5.76 -8.86
O1G ATP B . -15.89 -5.64 -10.22
O2G ATP B . -14.00 -4.88 -8.70
O3G ATP B . -16.15 -5.72 -7.68
PB ATP B . -14.31 -8.25 -7.71
O1B ATP B . -15.54 -8.32 -6.84
O2B ATP B . -12.98 -7.88 -7.12
O3B ATP B . -14.60 -7.26 -8.97
PA ATP B . -13.23 -10.17 -9.56
O1A ATP B . -13.75 -11.48 -10.11
O2A ATP B . -12.93 -9.02 -10.50
O3A ATP B . -14.25 -9.70 -8.41
O5' ATP B . -11.89 -10.52 -8.73
C5' ATP B . -11.40 -11.85 -8.77
C4' ATP B . -10.91 -12.26 -7.37
O4' ATP B . -9.83 -11.40 -6.99
C3' ATP B . -12.00 -12.11 -6.32
O3' ATP B . -11.92 -13.23 -5.45
C2' ATP B . -11.64 -10.84 -5.57
O2' ATP B . -12.06 -10.87 -4.21
C1' ATP B . -10.13 -10.82 -5.70
N9 ATP B . -9.61 -9.44 -5.66
C8 ATP B . -10.28 -8.31 -5.97
N7 ATP B . -9.49 -7.23 -5.82
C5 ATP B . -8.29 -7.66 -5.38
C6 ATP B . -7.00 -7.04 -5.02
N6 ATP B . -6.84 -5.67 -5.08
N1 ATP B . -6.01 -7.87 -4.62
C2 ATP B . -6.15 -9.22 -4.55
N3 ATP B . -7.30 -9.85 -4.86
C4 ATP B . -8.37 -9.13 -5.27
MG MG C . -17.02 -7.05 -6.48
P PO4 D . 0.72 -5.06 8.65
O1 PO4 D . -0.54 -5.81 9.03
O2 PO4 D . 1.81 -6.06 8.33
O3 PO4 D . 1.17 -4.22 9.83
O4 PO4 D . 0.47 -4.17 7.44
C1 EDO E . 5.31 -14.96 18.31
O1 EDO E . 6.10 -15.03 17.11
C2 EDO E . 4.88 -13.52 18.62
O2 EDO E . 4.42 -12.84 17.44
C1 EDO F . 6.25 -10.63 1.72
O1 EDO F . 5.73 -11.33 0.59
C2 EDO F . 5.98 -9.16 1.52
O2 EDO F . 4.56 -8.99 1.56
C1 EDO G . 9.01 -7.05 7.19
O1 EDO G . 8.46 -8.32 6.83
C2 EDO G . 7.90 -6.01 7.22
O2 EDO G . 6.80 -6.48 8.02
#